data_4DX1
#
_entry.id   4DX1
#
_cell.length_a   53.370
_cell.length_b   53.370
_cell.length_c   440.711
_cell.angle_alpha   90.000
_cell.angle_beta   90.000
_cell.angle_gamma   120.000
#
_symmetry.space_group_name_H-M   'P 31 2 1'
#
loop_
_entity.id
_entity.type
_entity.pdbx_description
1 polymer 'Transient receptor potential cation channel subfamily V member 4'
2 non-polymer 'PHOSPHATE ION'
3 non-polymer GLYCEROL
4 water water
#
_entity_poly.entity_id   1
_entity_poly.type   'polypeptide(L)'
_entity_poly.pdbx_seq_one_letter_code
;MFNRPILFDIVSRGSTADLDGLLPFLLTHKKRLTDEEFREPSTGKTCLPKALLNLSNGRNDTIPVLLDIAERTGNMREFI
NSPFRDIYYRGQTALHIAIERRCKHYVELLVAQGADVHAQARGRFFQPKDEGGYFYFGELPLSLAACTNQPHIVNYLTEN
PHKKADMRRQDSRGNTVLHALVAIADNTRENTKFVTKMYDLLLLKCARLFPDSNLEAVLNNDGLSPLMMAAKTGKIGIFQ
HIIRREVTDEAAAHHHHHH
;
_entity_poly.pdbx_strand_id   A,B
#
loop_
_chem_comp.id
_chem_comp.type
_chem_comp.name
_chem_comp.formula
GOL non-polymer GLYCEROL 'C3 H8 O3'
PO4 non-polymer 'PHOSPHATE ION' 'O4 P -3'
#
# COMPACT_ATOMS: atom_id res chain seq x y z
N MET A 1 43.61 -22.74 -29.12
CA MET A 1 43.42 -22.22 -27.73
C MET A 1 42.63 -20.91 -27.75
N PHE A 2 41.45 -20.93 -27.15
CA PHE A 2 40.70 -19.71 -26.95
C PHE A 2 40.15 -19.72 -25.55
N ASN A 3 39.79 -18.54 -25.07
CA ASN A 3 39.15 -18.33 -23.77
C ASN A 3 38.91 -16.84 -23.64
N ARG A 4 38.37 -16.42 -22.50
CA ARG A 4 38.07 -15.01 -22.30
C ARG A 4 39.27 -14.11 -22.64
N PRO A 5 40.31 -14.07 -21.78
CA PRO A 5 41.37 -13.10 -22.01
C PRO A 5 41.78 -12.96 -23.48
N ILE A 6 41.85 -14.08 -24.20
CA ILE A 6 42.29 -14.07 -25.60
C ILE A 6 41.25 -13.52 -26.54
N LEU A 7 40.05 -14.08 -26.46
CA LEU A 7 38.97 -13.78 -27.39
C LEU A 7 38.63 -12.31 -27.34
N PHE A 8 38.69 -11.75 -26.14
CA PHE A 8 38.37 -10.35 -25.89
C PHE A 8 39.48 -9.49 -26.41
N ASP A 9 40.72 -9.92 -26.23
CA ASP A 9 41.79 -9.21 -26.89
C ASP A 9 41.50 -9.14 -28.38
N ILE A 10 41.07 -10.27 -28.96
CA ILE A 10 40.97 -10.41 -30.41
C ILE A 10 39.90 -9.52 -31.01
N VAL A 11 38.78 -9.37 -30.32
CA VAL A 11 37.70 -8.55 -30.85
C VAL A 11 37.95 -7.09 -30.51
N SER A 12 38.59 -6.86 -29.37
CA SER A 12 38.99 -5.53 -28.99
C SER A 12 39.79 -4.93 -30.14
N ARG A 13 40.67 -5.72 -30.74
CA ARG A 13 41.47 -5.25 -31.86
C ARG A 13 40.74 -5.34 -33.19
N GLY A 14 39.59 -6.00 -33.20
CA GLY A 14 38.82 -6.09 -34.43
C GLY A 14 39.39 -7.00 -35.51
N SER A 15 40.37 -7.81 -35.12
CA SER A 15 41.07 -8.71 -36.04
C SER A 15 40.22 -9.89 -36.44
N THR A 16 39.81 -9.96 -37.71
CA THR A 16 39.08 -11.16 -38.15
C THR A 16 40.06 -12.31 -38.29
N ALA A 17 41.26 -12.00 -38.76
CA ALA A 17 42.28 -13.00 -38.98
C ALA A 17 42.50 -13.87 -37.76
N ASP A 18 42.56 -13.26 -36.58
CA ASP A 18 42.83 -13.98 -35.34
C ASP A 18 41.63 -14.75 -34.80
N LEU A 19 40.60 -14.92 -35.62
CA LEU A 19 39.45 -15.78 -35.29
C LEU A 19 39.48 -17.18 -35.92
N ASP A 20 40.12 -17.31 -37.08
CA ASP A 20 40.38 -18.60 -37.67
C ASP A 20 40.58 -19.56 -36.54
N GLY A 21 39.78 -20.61 -36.53
CA GLY A 21 39.92 -21.66 -35.55
C GLY A 21 38.92 -21.63 -34.41
N LEU A 22 38.28 -20.47 -34.24
CA LEU A 22 37.35 -20.30 -33.13
C LEU A 22 36.19 -21.26 -33.30
N LEU A 23 35.63 -21.30 -34.52
CA LEU A 23 34.50 -22.20 -34.77
C LEU A 23 34.89 -23.66 -34.41
N PRO A 24 35.92 -24.22 -35.07
CA PRO A 24 36.32 -25.60 -34.74
C PRO A 24 36.64 -25.78 -33.26
N PHE A 25 37.46 -24.90 -32.71
CA PHE A 25 37.81 -24.98 -31.29
C PHE A 25 36.57 -25.14 -30.42
N LEU A 26 35.63 -24.22 -30.57
CA LEU A 26 34.35 -24.29 -29.84
C LEU A 26 33.64 -25.65 -29.94
N LEU A 27 33.37 -26.08 -31.17
CA LEU A 27 32.68 -27.35 -31.41
C LEU A 27 33.37 -28.55 -30.77
N THR A 28 34.64 -28.72 -31.12
CA THR A 28 35.44 -29.88 -30.70
C THR A 28 35.63 -29.94 -29.18
N HIS A 29 35.59 -28.79 -28.52
CA HIS A 29 35.75 -28.72 -27.07
C HIS A 29 34.39 -28.58 -26.36
N LYS A 30 33.30 -28.74 -27.11
CA LYS A 30 31.96 -28.66 -26.54
C LYS A 30 31.73 -27.34 -25.80
N LYS A 31 32.11 -26.22 -26.42
CA LYS A 31 32.01 -24.91 -25.79
C LYS A 31 31.23 -23.84 -26.60
N ARG A 32 30.74 -22.79 -25.92
CA ARG A 32 29.77 -21.86 -26.50
C ARG A 32 29.99 -20.44 -26.04
N LEU A 33 29.77 -19.48 -26.94
CA LEU A 33 30.02 -18.08 -26.63
C LEU A 33 29.07 -17.55 -25.60
N THR A 34 28.08 -18.37 -25.24
CA THR A 34 27.10 -18.02 -24.22
C THR A 34 27.56 -18.52 -22.84
N ASP A 35 28.47 -19.50 -22.83
CA ASP A 35 29.01 -20.10 -21.59
C ASP A 35 29.57 -19.05 -20.67
N GLU A 36 29.64 -19.39 -19.39
CA GLU A 36 30.04 -18.40 -18.39
C GLU A 36 31.51 -18.03 -18.54
N GLU A 37 32.32 -18.97 -19.01
CA GLU A 37 33.74 -18.71 -19.18
C GLU A 37 34.05 -17.75 -20.33
N PHE A 38 33.04 -17.31 -21.05
CA PHE A 38 33.26 -16.34 -22.10
C PHE A 38 32.54 -15.05 -21.76
N ARG A 39 32.25 -14.90 -20.48
CA ARG A 39 31.62 -13.72 -19.92
C ARG A 39 32.53 -13.09 -18.88
N GLU A 40 32.59 -11.77 -18.84
CA GLU A 40 33.37 -11.07 -17.85
C GLU A 40 32.78 -11.37 -16.47
N PRO A 41 33.60 -11.95 -15.55
CA PRO A 41 33.13 -12.34 -14.21
C PRO A 41 32.34 -11.24 -13.49
N SER A 42 32.82 -10.01 -13.63
CA SER A 42 32.23 -8.85 -12.96
C SER A 42 30.95 -8.32 -13.65
N THR A 43 31.06 -8.00 -14.94
CA THR A 43 30.01 -7.29 -15.67
C THR A 43 28.97 -8.24 -16.26
N GLY A 44 29.41 -9.03 -17.22
CA GLY A 44 28.52 -9.88 -17.97
C GLY A 44 28.70 -9.60 -19.43
N LYS A 45 29.68 -8.74 -19.75
CA LYS A 45 29.92 -8.39 -21.12
C LYS A 45 30.41 -9.63 -21.82
N THR A 46 29.58 -10.21 -22.66
CA THR A 46 30.04 -11.19 -23.63
C THR A 46 31.01 -10.52 -24.59
N CYS A 47 31.55 -11.28 -25.53
CA CYS A 47 32.45 -10.70 -26.49
C CYS A 47 31.66 -9.76 -27.38
N LEU A 48 30.34 -9.84 -27.34
CA LEU A 48 29.55 -8.99 -28.23
C LEU A 48 29.73 -7.52 -27.87
N PRO A 49 29.20 -7.07 -26.72
CA PRO A 49 29.56 -5.75 -26.23
C PRO A 49 31.02 -5.37 -26.42
N LYS A 50 31.96 -6.22 -26.02
CA LYS A 50 33.38 -5.89 -26.13
C LYS A 50 33.78 -5.46 -27.54
N ALA A 51 33.25 -6.12 -28.56
CA ALA A 51 33.55 -5.73 -29.93
C ALA A 51 32.78 -4.48 -30.32
N LEU A 52 31.60 -4.32 -29.73
CA LEU A 52 30.78 -3.16 -30.02
C LEU A 52 31.34 -1.88 -29.44
N LEU A 53 32.15 -1.98 -28.37
CA LEU A 53 32.78 -0.78 -27.77
C LEU A 53 34.09 -0.39 -28.47
N ASN A 54 34.65 -1.33 -29.20
CA ASN A 54 35.88 -1.12 -29.90
C ASN A 54 35.65 -1.01 -31.41
N LEU A 55 34.69 -0.17 -31.82
CA LEU A 55 34.55 0.16 -33.24
C LEU A 55 35.69 1.09 -33.70
N SER A 56 35.81 1.20 -35.02
CA SER A 56 36.85 1.99 -35.65
C SER A 56 36.36 2.42 -37.03
N ASN A 57 36.28 3.74 -37.26
CA ASN A 57 35.46 4.28 -38.34
C ASN A 57 34.13 3.54 -38.25
N GLY A 58 33.66 3.36 -37.01
CA GLY A 58 32.35 2.79 -36.71
C GLY A 58 32.07 1.43 -37.30
N ARG A 59 33.10 0.61 -37.46
CA ARG A 59 32.89 -0.80 -37.84
C ARG A 59 33.83 -1.71 -37.04
N ASN A 60 33.47 -2.98 -36.95
CA ASN A 60 34.31 -3.97 -36.33
C ASN A 60 33.91 -5.33 -36.83
N ASP A 61 34.55 -5.71 -37.93
CA ASP A 61 34.27 -6.94 -38.63
C ASP A 61 34.25 -8.25 -37.84
N THR A 62 34.60 -8.24 -36.55
CA THR A 62 34.46 -9.47 -35.78
C THR A 62 32.96 -9.72 -35.54
N ILE A 63 32.17 -8.65 -35.59
CA ILE A 63 30.75 -8.71 -35.20
C ILE A 63 29.93 -9.69 -36.05
N PRO A 64 29.81 -9.42 -37.35
CA PRO A 64 29.12 -10.40 -38.18
C PRO A 64 29.62 -11.83 -37.96
N VAL A 65 30.93 -12.02 -37.90
CA VAL A 65 31.51 -13.35 -37.75
C VAL A 65 31.07 -13.97 -36.43
N LEU A 66 31.14 -13.17 -35.36
CA LEU A 66 30.77 -13.63 -34.04
C LEU A 66 29.32 -14.06 -33.94
N LEU A 67 28.44 -13.30 -34.58
CA LEU A 67 27.01 -13.58 -34.58
C LEU A 67 26.84 -14.89 -35.27
N ASP A 68 27.42 -15.01 -36.46
CA ASP A 68 27.39 -16.27 -37.15
C ASP A 68 27.88 -17.43 -36.30
N ILE A 69 29.08 -17.35 -35.75
CA ILE A 69 29.61 -18.43 -34.94
C ILE A 69 28.66 -18.79 -33.79
N ALA A 70 28.10 -17.78 -33.16
CA ALA A 70 27.17 -18.05 -32.05
C ALA A 70 25.84 -18.68 -32.50
N GLU A 71 25.46 -18.46 -33.76
CA GLU A 71 24.29 -19.08 -34.38
C GLU A 71 24.56 -20.53 -34.61
N ARG A 72 25.76 -20.85 -35.10
CA ARG A 72 26.09 -22.22 -35.52
C ARG A 72 26.33 -23.13 -34.33
N THR A 73 26.89 -22.57 -33.28
CA THR A 73 27.30 -23.32 -32.11
C THR A 73 26.23 -23.36 -31.08
N GLY A 74 25.47 -22.27 -30.94
CA GLY A 74 24.51 -22.17 -29.83
C GLY A 74 23.24 -21.38 -30.05
N ASN A 75 22.64 -20.96 -28.93
CA ASN A 75 21.44 -20.15 -28.90
C ASN A 75 21.75 -18.69 -29.19
N MET A 76 21.32 -18.22 -30.37
CA MET A 76 21.78 -16.91 -30.86
C MET A 76 21.12 -15.72 -30.18
N ARG A 77 19.83 -15.88 -29.85
CA ARG A 77 19.12 -14.88 -29.10
C ARG A 77 19.84 -14.77 -27.76
N GLU A 78 19.92 -15.90 -27.05
CA GLU A 78 20.53 -15.93 -25.73
C GLU A 78 21.80 -15.12 -25.80
N PHE A 79 22.61 -15.39 -26.83
CA PHE A 79 23.82 -14.64 -27.08
C PHE A 79 23.54 -13.18 -27.21
N ILE A 80 22.78 -12.77 -28.21
CA ILE A 80 22.64 -11.33 -28.44
C ILE A 80 22.13 -10.61 -27.19
N ASN A 81 21.10 -11.17 -26.57
CA ASN A 81 20.49 -10.53 -25.44
C ASN A 81 21.26 -10.61 -24.14
N SER A 82 22.30 -11.42 -24.07
CA SER A 82 23.01 -11.55 -22.80
C SER A 82 23.29 -10.17 -22.22
N PRO A 83 22.88 -9.91 -20.95
CA PRO A 83 22.90 -8.58 -20.30
C PRO A 83 24.13 -8.34 -19.42
N PHE A 84 24.57 -7.10 -19.33
CA PHE A 84 25.72 -6.78 -18.51
C PHE A 84 25.49 -5.53 -17.66
N ARG A 85 26.25 -5.44 -16.57
CA ARG A 85 26.17 -4.31 -15.64
C ARG A 85 27.47 -3.51 -15.61
N ASP A 86 27.36 -2.20 -15.41
CA ASP A 86 28.50 -1.37 -14.97
C ASP A 86 28.01 -0.64 -13.73
N ILE A 87 28.83 0.21 -13.13
CA ILE A 87 28.39 0.92 -11.91
C ILE A 87 27.08 1.68 -12.06
N TYR A 88 26.72 2.06 -13.28
CA TYR A 88 25.57 2.95 -13.51
C TYR A 88 24.29 2.27 -13.94
N TYR A 89 24.45 1.20 -14.73
CA TYR A 89 23.31 0.42 -15.19
C TYR A 89 23.55 -1.08 -15.06
N ARG A 90 22.45 -1.78 -14.84
CA ARG A 90 22.35 -3.22 -14.99
C ARG A 90 21.31 -3.57 -16.09
N GLY A 91 21.37 -4.79 -16.63
CA GLY A 91 20.45 -5.14 -17.72
C GLY A 91 20.70 -4.45 -19.07
N GLN A 92 21.86 -3.82 -19.23
CA GLN A 92 22.29 -3.25 -20.50
C GLN A 92 22.54 -4.35 -21.54
N THR A 93 22.31 -4.04 -22.81
CA THR A 93 22.54 -5.04 -23.85
C THR A 93 23.20 -4.49 -25.08
N ALA A 94 23.68 -5.41 -25.92
CA ALA A 94 24.27 -5.10 -27.22
C ALA A 94 23.46 -4.02 -27.87
N LEU A 95 22.18 -4.29 -28.10
CA LEU A 95 21.29 -3.26 -28.65
C LEU A 95 21.43 -1.84 -28.02
N HIS A 96 21.64 -1.79 -26.71
CA HIS A 96 21.78 -0.52 -26.04
C HIS A 96 23.02 0.23 -26.49
N ILE A 97 24.15 -0.49 -26.48
CA ILE A 97 25.41 0.11 -26.89
C ILE A 97 25.31 0.58 -28.31
N ALA A 98 24.62 -0.20 -29.14
CA ALA A 98 24.50 0.15 -30.53
C ALA A 98 23.87 1.53 -30.67
N ILE A 99 22.88 1.80 -29.83
CA ILE A 99 22.19 3.05 -29.93
C ILE A 99 22.99 4.17 -29.30
N GLU A 100 23.62 3.91 -28.17
CA GLU A 100 24.39 4.98 -27.55
C GLU A 100 25.58 5.33 -28.41
N ARG A 101 26.06 4.39 -29.20
CA ARG A 101 27.15 4.68 -30.09
C ARG A 101 26.61 5.27 -31.36
N ARG A 102 25.33 5.61 -31.36
CA ARG A 102 24.68 6.31 -32.49
C ARG A 102 25.05 5.67 -33.82
N CYS A 103 24.86 4.36 -33.88
CA CYS A 103 25.34 3.54 -34.98
C CYS A 103 24.24 2.76 -35.68
N LYS A 104 23.61 3.41 -36.67
CA LYS A 104 22.44 2.88 -37.36
C LYS A 104 22.72 1.46 -37.82
N HIS A 105 23.90 1.27 -38.40
CA HIS A 105 24.27 0.07 -39.10
C HIS A 105 24.19 -1.22 -38.30
N TYR A 106 24.65 -1.17 -37.05
CA TYR A 106 24.71 -2.41 -36.23
C TYR A 106 23.42 -2.63 -35.45
N VAL A 107 22.62 -1.58 -35.37
CA VAL A 107 21.35 -1.69 -34.69
C VAL A 107 20.52 -2.57 -35.60
N GLU A 108 20.36 -2.09 -36.84
CA GLU A 108 19.77 -2.86 -37.93
C GLU A 108 20.22 -4.32 -37.86
N LEU A 109 21.50 -4.57 -37.65
CA LEU A 109 22.01 -5.94 -37.71
C LEU A 109 21.44 -6.79 -36.57
N LEU A 110 21.48 -6.23 -35.37
CA LEU A 110 21.12 -6.93 -34.15
C LEU A 110 19.64 -7.20 -34.15
N VAL A 111 18.90 -6.18 -34.56
CA VAL A 111 17.46 -6.21 -34.57
C VAL A 111 17.06 -7.30 -35.54
N ALA A 112 17.83 -7.40 -36.62
CA ALA A 112 17.58 -8.36 -37.68
C ALA A 112 17.86 -9.78 -37.21
N GLN A 113 18.93 -9.97 -36.45
CA GLN A 113 19.26 -11.28 -35.90
C GLN A 113 18.45 -11.70 -34.66
N GLY A 114 17.66 -10.79 -34.09
CA GLY A 114 16.67 -11.18 -33.08
C GLY A 114 16.79 -10.51 -31.73
N ALA A 115 17.45 -9.36 -31.73
CA ALA A 115 17.68 -8.64 -30.50
C ALA A 115 16.34 -8.40 -29.82
N ASP A 116 16.32 -8.56 -28.50
CA ASP A 116 15.16 -8.17 -27.72
C ASP A 116 15.07 -6.66 -27.80
N VAL A 117 13.97 -6.18 -28.37
CA VAL A 117 13.77 -4.75 -28.61
C VAL A 117 13.22 -4.00 -27.39
N HIS A 118 12.84 -4.76 -26.37
CA HIS A 118 12.20 -4.20 -25.18
C HIS A 118 13.03 -4.44 -23.93
N ALA A 119 14.30 -4.76 -24.14
CA ALA A 119 15.22 -4.89 -23.04
C ALA A 119 15.33 -3.59 -22.24
N GLN A 120 15.08 -3.70 -20.93
CA GLN A 120 15.12 -2.57 -20.03
C GLN A 120 16.48 -2.41 -19.38
N ALA A 121 17.06 -1.24 -19.52
CA ALA A 121 18.27 -0.91 -18.85
C ALA A 121 17.93 -0.16 -17.54
N ARG A 122 18.25 -0.75 -16.39
CA ARG A 122 17.82 -0.19 -15.11
C ARG A 122 19.00 0.46 -14.42
N GLY A 123 18.73 1.42 -13.53
CA GLY A 123 19.81 2.18 -12.90
C GLY A 123 20.29 1.45 -11.69
N ARG A 124 21.52 1.72 -11.26
CA ARG A 124 22.05 1.15 -10.02
C ARG A 124 22.06 2.20 -8.91
N PHE A 125 22.11 1.74 -7.67
CA PHE A 125 21.95 2.63 -6.50
C PHE A 125 23.22 3.38 -6.06
N PHE A 126 24.00 3.87 -7.04
CA PHE A 126 25.40 4.39 -6.86
C PHE A 126 25.77 5.42 -5.75
N GLN A 127 26.97 5.97 -5.87
CA GLN A 127 27.52 6.85 -4.84
C GLN A 127 27.27 8.33 -5.10
N PRO A 128 27.96 9.22 -4.36
CA PRO A 128 28.20 10.55 -4.89
C PRO A 128 29.46 10.61 -5.77
N LYS A 129 30.56 10.00 -5.29
CA LYS A 129 31.87 10.11 -5.95
C LYS A 129 31.93 9.39 -7.29
N ASP A 130 30.75 9.03 -7.77
CA ASP A 130 30.55 8.29 -9.01
C ASP A 130 29.54 8.96 -9.90
N GLU A 131 28.93 10.06 -9.46
CA GLU A 131 27.75 10.57 -10.15
C GLU A 131 28.04 11.28 -11.47
N GLY A 132 27.24 10.96 -12.48
CA GLY A 132 27.32 11.66 -13.75
C GLY A 132 27.51 10.76 -14.95
N GLY A 133 27.48 9.46 -14.71
CA GLY A 133 27.61 8.48 -15.77
C GLY A 133 26.28 7.82 -15.99
N TYR A 134 25.28 8.35 -15.30
CA TYR A 134 23.90 7.87 -15.41
C TYR A 134 23.01 8.98 -15.92
N PHE A 135 22.07 8.64 -16.78
CA PHE A 135 20.92 9.52 -16.98
C PHE A 135 19.71 8.64 -17.29
N TYR A 136 18.54 8.99 -16.76
CA TYR A 136 17.31 8.23 -17.02
C TYR A 136 16.78 8.59 -18.38
N PHE A 137 16.48 7.59 -19.20
CA PHE A 137 16.12 7.86 -20.59
C PHE A 137 14.93 7.05 -21.10
N GLY A 138 14.04 6.66 -20.19
CA GLY A 138 13.12 5.54 -20.47
C GLY A 138 14.00 4.35 -20.21
N GLU A 139 13.55 3.13 -20.41
CA GLU A 139 14.58 2.14 -20.12
C GLU A 139 14.89 1.39 -21.35
N LEU A 140 14.06 1.62 -22.36
CA LEU A 140 14.03 0.75 -23.51
C LEU A 140 14.75 1.40 -24.66
N PRO A 141 15.16 0.57 -25.64
CA PRO A 141 15.89 1.05 -26.80
C PRO A 141 15.06 2.09 -27.51
N LEU A 142 13.76 1.83 -27.69
CA LEU A 142 12.95 2.85 -28.33
C LEU A 142 13.07 4.20 -27.60
N SER A 143 12.90 4.19 -26.28
CA SER A 143 12.94 5.43 -25.51
C SER A 143 14.32 6.03 -25.62
N LEU A 144 15.33 5.16 -25.50
CA LEU A 144 16.71 5.60 -25.62
C LEU A 144 16.94 6.41 -26.92
N ALA A 145 16.52 5.85 -28.04
CA ALA A 145 16.66 6.48 -29.36
C ALA A 145 15.98 7.83 -29.37
N ALA A 146 14.73 7.81 -28.90
CA ALA A 146 13.89 9.00 -28.89
C ALA A 146 14.60 10.09 -28.14
N CYS A 147 15.00 9.78 -26.91
CA CYS A 147 15.62 10.75 -26.01
C CYS A 147 16.93 11.31 -26.55
N THR A 148 17.69 10.51 -27.28
CA THR A 148 18.99 10.97 -27.70
C THR A 148 18.90 11.57 -29.08
N ASN A 149 17.69 11.94 -29.46
CA ASN A 149 17.46 12.65 -30.69
C ASN A 149 18.01 11.92 -31.91
N GLN A 150 17.63 10.65 -32.03
CA GLN A 150 18.02 9.85 -33.18
C GLN A 150 16.82 9.39 -34.01
N PRO A 151 16.21 10.33 -34.79
CA PRO A 151 15.02 9.96 -35.58
C PRO A 151 15.20 8.70 -36.42
N HIS A 152 16.18 8.69 -37.32
CA HIS A 152 16.37 7.57 -38.25
C HIS A 152 16.32 6.19 -37.55
N ILE A 153 16.75 6.14 -36.28
CA ILE A 153 16.74 4.88 -35.52
C ILE A 153 15.37 4.58 -34.89
N VAL A 154 14.68 5.63 -34.48
CA VAL A 154 13.35 5.49 -33.94
C VAL A 154 12.46 4.91 -35.02
N ASN A 155 12.51 5.51 -36.20
CA ASN A 155 11.81 4.94 -37.33
C ASN A 155 12.14 3.47 -37.49
N TYR A 156 13.40 3.13 -37.74
CA TYR A 156 13.74 1.72 -37.88
C TYR A 156 13.19 0.83 -36.79
N LEU A 157 13.21 1.29 -35.54
CA LEU A 157 12.77 0.43 -34.43
C LEU A 157 11.26 0.15 -34.49
N THR A 158 10.56 1.01 -35.22
CA THR A 158 9.12 0.96 -35.25
C THR A 158 8.62 0.52 -36.61
N GLU A 159 9.48 0.52 -37.63
CA GLU A 159 9.00 0.29 -38.99
C GLU A 159 9.65 -0.89 -39.74
N ASN A 160 10.73 -1.43 -39.16
CA ASN A 160 11.42 -2.61 -39.70
C ASN A 160 10.53 -3.87 -39.85
N PRO A 161 10.94 -4.83 -40.69
CA PRO A 161 10.06 -5.98 -40.87
C PRO A 161 10.37 -7.19 -39.96
N HIS A 162 11.40 -7.10 -39.11
CA HIS A 162 11.80 -8.26 -38.31
C HIS A 162 11.18 -8.24 -36.93
N LYS A 163 11.45 -7.16 -36.18
CA LYS A 163 10.83 -6.97 -34.88
C LYS A 163 10.60 -5.49 -34.65
N LYS A 164 9.33 -5.13 -34.51
CA LYS A 164 8.92 -3.76 -34.21
C LYS A 164 8.82 -3.57 -32.69
N ALA A 165 9.26 -2.40 -32.21
CA ALA A 165 9.13 -2.06 -30.80
C ALA A 165 7.76 -1.45 -30.54
N ASP A 166 7.05 -1.99 -29.56
CA ASP A 166 5.74 -1.47 -29.18
C ASP A 166 5.89 -0.04 -28.66
N MET A 167 5.26 0.92 -29.31
CA MET A 167 5.29 2.30 -28.81
C MET A 167 4.62 2.44 -27.46
N ARG A 168 3.57 1.66 -27.28
CA ARG A 168 2.80 1.66 -26.05
C ARG A 168 3.52 1.01 -24.87
N ARG A 169 4.71 0.48 -25.08
CA ARG A 169 5.44 -0.12 -23.97
C ARG A 169 5.81 0.92 -22.88
N GLN A 170 5.66 0.49 -21.63
CA GLN A 170 5.96 1.28 -20.43
C GLN A 170 7.14 0.65 -19.74
N ASP A 171 8.02 1.48 -19.18
CA ASP A 171 9.21 0.97 -18.52
C ASP A 171 8.88 0.62 -17.08
N SER A 172 9.89 0.55 -16.22
CA SER A 172 9.68 0.09 -14.84
C SER A 172 8.93 1.11 -14.01
N ARG A 173 8.91 2.35 -14.49
CA ARG A 173 8.21 3.44 -13.83
C ARG A 173 6.78 3.59 -14.38
N GLY A 174 6.41 2.71 -15.31
CA GLY A 174 5.18 2.86 -16.08
C GLY A 174 5.28 3.90 -17.20
N ASN A 175 6.50 4.33 -17.50
CA ASN A 175 6.73 5.42 -18.44
C ASN A 175 6.88 4.91 -19.84
N THR A 176 6.04 5.42 -20.72
CA THR A 176 6.19 5.19 -22.14
C THR A 176 7.22 6.18 -22.65
N VAL A 177 7.42 6.11 -23.96
CA VAL A 177 8.43 6.92 -24.61
C VAL A 177 8.10 8.43 -24.57
N LEU A 178 6.84 8.79 -24.35
CA LEU A 178 6.44 10.20 -24.27
C LEU A 178 6.79 10.79 -22.91
N HIS A 179 6.56 9.96 -21.89
CA HIS A 179 7.05 10.22 -20.55
C HIS A 179 8.53 10.43 -20.59
N ALA A 180 9.22 9.58 -21.33
CA ALA A 180 10.67 9.67 -21.39
C ALA A 180 11.04 11.05 -21.94
N LEU A 181 10.50 11.35 -23.11
CA LEU A 181 10.66 12.63 -23.74
C LEU A 181 10.40 13.78 -22.76
N VAL A 182 9.35 13.64 -21.95
CA VAL A 182 9.04 14.66 -20.93
C VAL A 182 10.20 14.77 -19.95
N ALA A 183 10.60 13.61 -19.42
CA ALA A 183 11.70 13.50 -18.46
C ALA A 183 13.01 14.18 -18.87
N ILE A 184 13.41 14.06 -20.14
CA ILE A 184 14.65 14.66 -20.62
C ILE A 184 14.47 16.08 -21.09
N ALA A 185 13.24 16.55 -21.26
CA ALA A 185 13.11 17.93 -21.74
C ALA A 185 13.63 18.83 -20.65
N ASP A 186 14.66 19.59 -20.95
CA ASP A 186 14.99 20.77 -20.17
C ASP A 186 14.34 21.93 -20.94
N ASN A 187 14.65 23.17 -20.59
CA ASN A 187 13.86 24.17 -21.27
C ASN A 187 14.60 24.93 -22.37
N THR A 188 15.78 24.42 -22.73
CA THR A 188 16.63 25.04 -23.76
C THR A 188 16.02 24.94 -25.16
N ARG A 189 16.31 25.95 -25.98
CA ARG A 189 15.72 26.02 -27.32
C ARG A 189 15.95 24.73 -28.12
N GLU A 190 17.23 24.43 -28.35
CA GLU A 190 17.70 23.24 -29.06
C GLU A 190 16.98 21.98 -28.54
N ASN A 191 16.83 21.88 -27.22
CA ASN A 191 16.15 20.74 -26.57
C ASN A 191 14.64 20.67 -26.87
N THR A 192 13.89 21.67 -26.41
CA THR A 192 12.49 21.79 -26.76
C THR A 192 12.19 21.56 -28.24
N LYS A 193 13.08 22.00 -29.13
CA LYS A 193 12.86 21.84 -30.58
C LYS A 193 12.82 20.39 -31.03
N PHE A 194 13.80 19.59 -30.59
CA PHE A 194 13.96 18.21 -31.05
C PHE A 194 12.99 17.28 -30.34
N VAL A 195 12.68 17.64 -29.10
CA VAL A 195 11.81 16.88 -28.22
C VAL A 195 10.36 16.89 -28.69
N THR A 196 9.89 18.07 -29.06
CA THR A 196 8.54 18.24 -29.54
C THR A 196 8.42 17.48 -30.84
N LYS A 197 9.39 17.69 -31.74
CA LYS A 197 9.47 16.94 -32.98
C LYS A 197 9.28 15.46 -32.69
N MET A 198 10.12 14.91 -31.82
CA MET A 198 10.09 13.50 -31.45
C MET A 198 8.72 13.05 -30.94
N TYR A 199 8.15 13.84 -30.03
CA TYR A 199 6.82 13.62 -29.49
C TYR A 199 5.79 13.53 -30.60
N ASP A 200 5.72 14.60 -31.38
CA ASP A 200 4.78 14.66 -32.48
C ASP A 200 5.00 13.48 -33.41
N LEU A 201 6.27 13.21 -33.71
CA LEU A 201 6.61 12.10 -34.60
C LEU A 201 5.97 10.80 -34.12
N LEU A 202 6.19 10.48 -32.85
CA LEU A 202 5.70 9.22 -32.30
C LEU A 202 4.20 9.16 -32.07
N LEU A 203 3.61 10.22 -31.51
CA LEU A 203 2.17 10.20 -31.24
C LEU A 203 1.40 9.93 -32.52
N LEU A 204 1.66 10.77 -33.51
CA LEU A 204 0.99 10.66 -34.82
C LEU A 204 1.17 9.26 -35.38
N LYS A 205 2.41 8.74 -35.27
CA LYS A 205 2.74 7.36 -35.67
C LYS A 205 1.85 6.32 -34.99
N CYS A 206 1.69 6.46 -33.69
CA CYS A 206 0.92 5.51 -32.91
C CYS A 206 -0.56 5.63 -33.23
N ALA A 207 -0.94 6.77 -33.81
CA ALA A 207 -2.30 7.04 -34.27
C ALA A 207 -2.68 6.07 -35.38
N ARG A 208 -1.79 5.93 -36.37
CA ARG A 208 -2.06 5.09 -37.55
C ARG A 208 -1.99 3.60 -37.21
N LEU A 209 -0.92 3.22 -36.51
CA LEU A 209 -0.70 1.83 -36.12
C LEU A 209 -1.78 1.33 -35.18
N PHE A 210 -2.25 2.23 -34.31
CA PHE A 210 -3.33 1.92 -33.39
C PHE A 210 -4.24 3.15 -33.26
N PRO A 211 -5.37 3.14 -33.98
CA PRO A 211 -6.23 4.31 -34.11
C PRO A 211 -7.16 4.57 -32.92
N ASP A 212 -7.69 3.51 -32.31
CA ASP A 212 -8.65 3.71 -31.22
C ASP A 212 -8.03 3.65 -29.82
N SER A 213 -6.76 3.26 -29.73
CA SER A 213 -6.00 3.42 -28.50
C SER A 213 -5.28 4.78 -28.53
N ASN A 214 -5.36 5.50 -27.41
CA ASN A 214 -4.65 6.77 -27.24
C ASN A 214 -3.36 6.54 -26.50
N LEU A 215 -2.27 7.07 -27.04
CA LEU A 215 -0.98 6.95 -26.39
C LEU A 215 -0.88 7.95 -25.25
N GLU A 216 -1.35 9.16 -25.51
CA GLU A 216 -1.30 10.25 -24.54
C GLU A 216 -1.98 9.88 -23.21
N ALA A 217 -2.85 8.88 -23.27
CA ALA A 217 -3.72 8.54 -22.15
C ALA A 217 -3.11 7.54 -21.17
N VAL A 218 -1.98 6.93 -21.55
CA VAL A 218 -1.35 5.92 -20.69
C VAL A 218 -0.69 6.56 -19.47
N LEU A 219 -1.19 6.20 -18.31
CA LEU A 219 -0.71 6.78 -17.07
C LEU A 219 0.40 5.93 -16.49
N ASN A 220 1.46 6.62 -16.05
CA ASN A 220 2.55 5.95 -15.35
C ASN A 220 2.16 5.54 -13.92
N ASN A 221 3.14 5.05 -13.18
CA ASN A 221 2.94 4.51 -11.84
C ASN A 221 2.59 5.56 -10.78
N ASP A 222 3.02 6.81 -10.99
CA ASP A 222 2.56 7.88 -10.13
C ASP A 222 1.19 8.30 -10.55
N GLY A 223 0.66 7.62 -11.58
CA GLY A 223 -0.69 7.87 -12.10
C GLY A 223 -0.80 9.00 -13.11
N LEU A 224 0.32 9.40 -13.69
CA LEU A 224 0.35 10.58 -14.55
C LEU A 224 0.48 10.30 -16.04
N SER A 225 -0.31 11.05 -16.80
CA SER A 225 -0.12 11.16 -18.22
C SER A 225 1.10 12.04 -18.41
N PRO A 226 1.77 11.94 -19.56
CA PRO A 226 2.91 12.79 -19.86
C PRO A 226 2.62 14.26 -19.60
N LEU A 227 1.55 14.78 -20.19
CA LEU A 227 1.19 16.18 -20.04
C LEU A 227 1.11 16.56 -18.57
N MET A 228 0.33 15.80 -17.81
CA MET A 228 0.32 16.00 -16.36
C MET A 228 1.74 16.00 -15.79
N MET A 229 2.52 14.98 -16.14
CA MET A 229 3.89 14.89 -15.69
C MET A 229 4.72 16.13 -16.09
N ALA A 230 4.49 16.66 -17.30
CA ALA A 230 5.21 17.88 -17.71
C ALA A 230 4.80 19.04 -16.82
N ALA A 231 3.51 19.17 -16.56
CA ALA A 231 3.02 20.25 -15.71
C ALA A 231 3.59 20.12 -14.30
N LYS A 232 3.47 18.91 -13.76
CA LYS A 232 3.97 18.57 -12.44
C LYS A 232 5.48 18.80 -12.29
N THR A 233 6.24 18.86 -13.39
CA THR A 233 7.73 18.98 -13.27
C THR A 233 8.44 20.20 -13.92
N GLY A 234 7.70 21.24 -14.25
CA GLY A 234 8.29 22.48 -14.77
C GLY A 234 8.85 22.37 -16.17
N LYS A 235 8.35 21.43 -16.93
CA LYS A 235 8.79 21.26 -18.29
C LYS A 235 7.86 22.07 -19.18
N ILE A 236 8.11 23.38 -19.20
CA ILE A 236 7.17 24.38 -19.74
C ILE A 236 7.11 24.23 -21.23
N GLY A 237 8.26 24.35 -21.88
CA GLY A 237 8.39 24.20 -23.33
C GLY A 237 7.50 23.10 -23.92
N ILE A 238 7.64 21.88 -23.38
CA ILE A 238 6.87 20.73 -23.82
C ILE A 238 5.43 20.80 -23.33
N PHE A 239 5.21 21.23 -22.09
CA PHE A 239 3.84 21.31 -21.65
C PHE A 239 3.08 22.21 -22.63
N GLN A 240 3.67 23.35 -22.95
CA GLN A 240 3.04 24.29 -23.85
C GLN A 240 2.72 23.60 -25.17
N HIS A 241 3.76 23.05 -25.79
CA HIS A 241 3.64 22.42 -27.08
C HIS A 241 2.53 21.38 -27.09
N ILE A 242 2.47 20.56 -26.05
CA ILE A 242 1.45 19.52 -25.98
C ILE A 242 0.04 20.11 -26.06
N ILE A 243 -0.23 21.19 -25.31
CA ILE A 243 -1.54 21.86 -25.32
C ILE A 243 -1.89 22.36 -26.71
N ARG A 244 -1.00 23.18 -27.28
CA ARG A 244 -1.14 23.76 -28.60
C ARG A 244 -1.59 22.74 -29.64
N ARG A 245 -1.09 21.52 -29.50
CA ARG A 245 -1.52 20.42 -30.34
C ARG A 245 -2.97 19.99 -30.02
N GLU A 246 -3.23 19.47 -28.82
CA GLU A 246 -4.54 18.87 -28.50
C GLU A 246 -5.71 19.71 -28.98
N VAL A 247 -5.55 21.02 -28.79
CA VAL A 247 -6.51 22.04 -29.19
C VAL A 247 -6.56 22.16 -30.72
N THR A 248 -5.43 22.54 -31.30
CA THR A 248 -5.31 22.71 -32.73
C THR A 248 -6.00 21.58 -33.46
N ASP A 249 -6.04 20.39 -32.86
CA ASP A 249 -6.83 19.29 -33.38
C ASP A 249 -8.34 19.66 -33.28
N GLU A 250 -8.80 20.31 -34.38
CA GLU A 250 -10.05 21.13 -34.49
C GLU A 250 -10.27 22.11 -33.36
N MET B 1 -23.12 21.84 51.14
CA MET B 1 -21.99 20.96 51.56
C MET B 1 -22.07 19.60 50.86
N PHE B 2 -21.02 19.24 50.16
CA PHE B 2 -21.01 18.06 49.31
C PHE B 2 -19.62 17.44 49.29
N ASN B 3 -19.55 16.13 49.31
CA ASN B 3 -18.27 15.42 49.23
C ASN B 3 -18.51 13.97 48.85
N ARG B 4 -17.48 13.33 48.29
CA ARG B 4 -17.60 11.98 47.78
C ARG B 4 -18.65 11.20 48.58
N PRO B 5 -18.39 10.91 49.86
CA PRO B 5 -19.36 10.05 50.53
C PRO B 5 -20.82 10.51 50.35
N ILE B 6 -21.05 11.82 50.44
CA ILE B 6 -22.39 12.39 50.35
C ILE B 6 -22.99 12.31 48.92
N LEU B 7 -22.28 12.86 47.94
CA LEU B 7 -22.69 12.73 46.56
C LEU B 7 -22.99 11.26 46.19
N PHE B 8 -22.05 10.36 46.43
CA PHE B 8 -22.28 8.95 46.14
C PHE B 8 -23.56 8.45 46.80
N ASP B 9 -23.93 8.99 47.96
CA ASP B 9 -25.23 8.63 48.53
C ASP B 9 -26.33 9.16 47.64
N ILE B 10 -26.36 10.48 47.48
CA ILE B 10 -27.34 11.12 46.62
C ILE B 10 -27.58 10.39 45.30
N VAL B 11 -26.55 10.13 44.49
CA VAL B 11 -26.75 9.47 43.20
C VAL B 11 -27.12 8.00 43.37
N SER B 12 -26.70 7.40 44.47
CA SER B 12 -27.02 6.02 44.72
C SER B 12 -28.54 5.90 44.88
N ARG B 13 -29.16 6.94 45.42
CA ARG B 13 -30.61 6.97 45.53
C ARG B 13 -31.24 7.65 44.32
N GLY B 14 -30.42 8.23 43.46
CA GLY B 14 -30.89 9.01 42.32
C GLY B 14 -31.90 10.11 42.63
N SER B 15 -31.71 10.82 43.73
CA SER B 15 -32.61 11.88 44.13
C SER B 15 -32.14 13.22 43.62
N THR B 16 -32.65 13.60 42.47
CA THR B 16 -32.48 14.94 41.95
C THR B 16 -32.79 16.02 42.99
N ALA B 17 -33.58 15.68 43.99
CA ALA B 17 -33.95 16.65 45.01
C ALA B 17 -32.74 17.04 45.86
N ASP B 18 -32.06 16.05 46.41
CA ASP B 18 -30.93 16.32 47.29
C ASP B 18 -29.70 16.84 46.53
N LEU B 19 -29.76 16.78 45.20
CA LEU B 19 -28.74 17.35 44.32
C LEU B 19 -28.73 18.85 44.34
N ASP B 20 -29.80 19.43 44.85
CA ASP B 20 -30.00 20.85 44.68
C ASP B 20 -28.87 21.64 45.32
N GLY B 21 -28.40 22.69 44.64
CA GLY B 21 -27.39 23.54 45.25
C GLY B 21 -26.03 22.86 45.26
N LEU B 22 -25.90 21.82 44.45
CA LEU B 22 -24.59 21.25 44.15
C LEU B 22 -23.87 22.18 43.21
N LEU B 23 -24.58 22.68 42.20
CA LEU B 23 -23.95 23.55 41.21
C LEU B 23 -23.29 24.77 41.88
N PRO B 24 -24.09 25.60 42.57
CA PRO B 24 -23.50 26.77 43.17
C PRO B 24 -22.39 26.37 44.14
N PHE B 25 -22.62 25.32 44.91
CA PHE B 25 -21.60 24.87 45.82
C PHE B 25 -20.27 24.76 45.12
N LEU B 26 -20.25 24.03 44.00
CA LEU B 26 -19.01 23.88 43.23
C LEU B 26 -18.39 25.21 42.77
N LEU B 27 -19.15 26.08 42.13
CA LEU B 27 -18.60 27.35 41.66
C LEU B 27 -18.04 28.15 42.83
N THR B 28 -18.84 28.30 43.90
CA THR B 28 -18.44 29.12 45.05
C THR B 28 -17.15 28.61 45.65
N HIS B 29 -16.94 27.29 45.57
CA HIS B 29 -15.81 26.62 46.23
C HIS B 29 -14.72 26.19 45.25
N LYS B 30 -14.75 26.72 44.02
CA LYS B 30 -13.78 26.34 42.97
C LYS B 30 -13.53 24.82 42.83
N LYS B 31 -14.57 24.00 42.82
CA LYS B 31 -14.38 22.56 42.79
C LYS B 31 -15.05 21.91 41.57
N ARG B 32 -14.61 20.71 41.17
CA ARG B 32 -15.17 20.02 40.01
C ARG B 32 -15.47 18.54 40.23
N LEU B 33 -16.27 17.95 39.33
CA LEU B 33 -16.75 16.58 39.55
C LEU B 33 -15.65 15.62 39.15
N THR B 34 -14.73 16.17 38.36
CA THR B 34 -13.55 15.45 37.89
C THR B 34 -12.54 15.25 39.03
N ASP B 35 -12.41 16.27 39.89
CA ASP B 35 -11.42 16.38 41.00
C ASP B 35 -11.22 15.13 41.81
N GLU B 36 -9.97 14.83 42.19
CA GLU B 36 -9.71 13.55 42.84
C GLU B 36 -10.58 13.32 44.08
N GLU B 37 -11.06 14.39 44.70
CA GLU B 37 -11.94 14.23 45.86
C GLU B 37 -13.32 13.63 45.54
N PHE B 38 -13.61 13.43 44.25
CA PHE B 38 -14.89 12.88 43.86
C PHE B 38 -14.70 11.59 43.08
N ARG B 39 -13.58 10.92 43.39
CA ARG B 39 -13.29 9.60 42.93
C ARG B 39 -13.11 8.70 44.15
N GLU B 40 -13.69 7.50 44.12
CA GLU B 40 -13.38 6.41 45.06
C GLU B 40 -11.87 6.17 44.94
N PRO B 41 -11.12 6.27 46.04
CA PRO B 41 -9.66 6.37 45.88
C PRO B 41 -9.03 5.05 45.47
N SER B 42 -9.78 3.98 45.71
CA SER B 42 -9.35 2.61 45.46
C SER B 42 -9.58 2.21 44.02
N THR B 43 -10.84 2.32 43.60
CA THR B 43 -11.23 1.89 42.27
C THR B 43 -10.95 2.98 41.26
N GLY B 44 -11.49 4.17 41.54
CA GLY B 44 -11.45 5.30 40.60
C GLY B 44 -12.79 5.68 40.01
N LYS B 45 -13.88 5.25 40.64
CA LYS B 45 -15.22 5.61 40.19
C LYS B 45 -15.46 7.07 40.49
N THR B 46 -16.11 7.76 39.57
CA THR B 46 -16.70 9.06 39.87
C THR B 46 -18.19 8.83 39.90
N CYS B 47 -18.94 9.84 40.33
CA CYS B 47 -20.35 9.65 40.65
C CYS B 47 -21.17 9.09 39.50
N LEU B 48 -20.85 9.51 38.28
CA LEU B 48 -21.62 9.09 37.11
C LEU B 48 -21.74 7.56 36.94
N PRO B 49 -20.61 6.83 36.97
CA PRO B 49 -20.80 5.38 36.92
C PRO B 49 -21.60 4.86 38.11
N LYS B 50 -21.25 5.31 39.32
CA LYS B 50 -21.98 4.93 40.51
C LYS B 50 -23.47 5.09 40.24
N ALA B 51 -23.81 6.19 39.59
CA ALA B 51 -25.20 6.47 39.26
C ALA B 51 -25.80 5.40 38.34
N LEU B 52 -25.04 5.07 37.29
CA LEU B 52 -25.46 4.10 36.33
C LEU B 52 -25.61 2.70 36.93
N LEU B 53 -24.77 2.35 37.89
CA LEU B 53 -24.88 1.06 38.58
C LEU B 53 -26.07 0.98 39.56
N ASN B 54 -26.91 2.01 39.51
CA ASN B 54 -28.06 2.18 40.40
C ASN B 54 -29.24 2.74 39.65
N LEU B 55 -29.79 1.92 38.76
CA LEU B 55 -30.92 2.30 37.90
C LEU B 55 -32.25 1.79 38.45
N SER B 56 -33.28 2.59 38.26
CA SER B 56 -34.63 2.26 38.66
C SER B 56 -35.50 2.28 37.41
N ASN B 57 -36.07 1.11 37.09
CA ASN B 57 -36.72 0.88 35.79
C ASN B 57 -35.85 1.50 34.76
N GLY B 58 -34.59 1.06 34.74
CA GLY B 58 -33.55 1.64 33.90
C GLY B 58 -33.63 3.15 33.71
N ARG B 59 -33.47 3.89 34.81
CA ARG B 59 -33.41 5.37 34.82
C ARG B 59 -32.73 5.88 36.08
N ASN B 60 -31.78 6.78 35.91
CA ASN B 60 -31.33 7.62 37.01
C ASN B 60 -31.40 9.11 36.67
N ASP B 61 -32.32 9.80 37.35
CA ASP B 61 -32.64 11.17 37.02
C ASP B 61 -31.50 12.12 37.30
N THR B 62 -30.56 11.73 38.15
CA THR B 62 -29.43 12.60 38.44
C THR B 62 -28.42 12.60 37.32
N ILE B 63 -28.49 11.58 36.46
CA ILE B 63 -27.55 11.49 35.32
C ILE B 63 -27.51 12.76 34.44
N PRO B 64 -28.65 13.11 33.79
CA PRO B 64 -28.55 14.29 32.94
C PRO B 64 -28.25 15.54 33.77
N VAL B 65 -28.76 15.63 34.98
CA VAL B 65 -28.39 16.77 35.80
C VAL B 65 -26.87 16.79 36.01
N LEU B 66 -26.33 15.64 36.36
CA LEU B 66 -24.90 15.55 36.57
C LEU B 66 -24.13 16.02 35.35
N LEU B 67 -24.47 15.47 34.20
CA LEU B 67 -23.82 15.88 33.00
C LEU B 67 -23.88 17.40 32.83
N ASP B 68 -25.06 17.97 33.02
CA ASP B 68 -25.18 19.38 32.78
C ASP B 68 -24.21 20.11 33.68
N ILE B 69 -24.23 19.74 34.95
CA ILE B 69 -23.33 20.39 35.88
C ILE B 69 -21.89 20.24 35.36
N ALA B 70 -21.49 19.01 35.05
CA ALA B 70 -20.13 18.79 34.60
C ALA B 70 -19.76 19.78 33.48
N GLU B 71 -20.61 19.84 32.45
CA GLU B 71 -20.41 20.72 31.31
C GLU B 71 -20.22 22.15 31.79
N ARG B 72 -21.01 22.54 32.78
CA ARG B 72 -21.05 23.93 33.17
C ARG B 72 -19.85 24.31 34.03
N THR B 73 -19.37 23.37 34.84
CA THR B 73 -18.32 23.62 35.85
C THR B 73 -16.90 23.14 35.51
N GLY B 74 -16.70 22.55 34.34
CA GLY B 74 -15.41 21.95 34.04
C GLY B 74 -15.55 21.04 32.87
N ASN B 75 -14.45 20.39 32.53
CA ASN B 75 -14.31 19.55 31.35
C ASN B 75 -15.30 18.38 31.21
N MET B 76 -16.09 18.46 30.15
CA MET B 76 -17.19 17.54 29.90
C MET B 76 -16.75 16.09 29.73
N ARG B 77 -15.79 15.85 28.84
CA ARG B 77 -15.36 14.51 28.45
C ARG B 77 -14.59 13.82 29.57
N GLU B 78 -13.58 14.52 30.09
CA GLU B 78 -12.86 14.04 31.26
C GLU B 78 -13.82 13.42 32.27
N PHE B 79 -14.99 14.03 32.41
CA PHE B 79 -15.95 13.52 33.35
C PHE B 79 -16.58 12.23 32.84
N ILE B 80 -17.19 12.32 31.66
CA ILE B 80 -17.85 11.19 31.03
C ILE B 80 -16.87 10.01 30.86
N ASN B 81 -15.60 10.30 30.63
CA ASN B 81 -14.60 9.27 30.36
C ASN B 81 -13.70 8.86 31.52
N SER B 82 -13.89 9.47 32.69
CA SER B 82 -13.07 9.14 33.85
C SER B 82 -13.15 7.62 34.10
N PRO B 83 -12.02 6.91 33.86
CA PRO B 83 -11.93 5.46 33.94
C PRO B 83 -12.00 4.99 35.37
N PHE B 84 -12.42 3.74 35.54
CA PHE B 84 -12.43 3.12 36.85
C PHE B 84 -12.15 1.62 36.74
N ARG B 85 -11.82 0.99 37.87
CA ARG B 85 -11.49 -0.43 37.89
C ARG B 85 -12.16 -1.14 39.04
N ASP B 86 -12.68 -2.34 38.78
CA ASP B 86 -13.11 -3.26 39.85
C ASP B 86 -12.10 -4.40 39.85
N ILE B 87 -12.39 -5.52 40.53
CA ILE B 87 -11.35 -6.54 40.64
C ILE B 87 -11.30 -7.39 39.38
N TYR B 88 -12.27 -7.18 38.49
CA TYR B 88 -12.32 -7.95 37.25
C TYR B 88 -11.81 -7.25 35.97
N TYR B 89 -11.76 -5.91 36.00
CA TYR B 89 -11.41 -5.10 34.86
C TYR B 89 -10.82 -3.78 35.31
N ARG B 90 -9.99 -3.20 34.46
CA ARG B 90 -9.56 -1.83 34.64
C ARG B 90 -9.89 -1.06 33.37
N GLY B 91 -9.94 0.26 33.47
CA GLY B 91 -10.26 1.12 32.32
C GLY B 91 -11.72 1.12 31.89
N GLN B 92 -12.61 0.64 32.76
CA GLN B 92 -14.03 0.74 32.48
C GLN B 92 -14.42 2.21 32.47
N THR B 93 -15.36 2.55 31.58
CA THR B 93 -15.97 3.87 31.54
C THR B 93 -17.48 3.76 31.66
N ALA B 94 -18.12 4.88 31.96
CA ALA B 94 -19.57 4.93 32.07
C ALA B 94 -20.17 4.39 30.79
N LEU B 95 -19.48 4.59 29.68
CA LEU B 95 -19.97 4.00 28.46
C LEU B 95 -20.19 2.46 28.54
N HIS B 96 -19.21 1.74 29.10
CA HIS B 96 -19.31 0.29 29.23
C HIS B 96 -20.47 -0.13 30.09
N ILE B 97 -20.54 0.44 31.30
CA ILE B 97 -21.61 0.09 32.25
C ILE B 97 -22.97 0.33 31.63
N ALA B 98 -23.12 1.48 30.96
CA ALA B 98 -24.34 1.84 30.23
C ALA B 98 -24.76 0.70 29.32
N ILE B 99 -23.80 0.14 28.60
CA ILE B 99 -24.09 -0.91 27.67
C ILE B 99 -24.40 -2.23 28.38
N GLU B 100 -23.63 -2.61 29.40
CA GLU B 100 -23.90 -3.88 30.12
C GLU B 100 -25.28 -3.90 30.77
N ARG B 101 -25.84 -2.72 31.00
CA ARG B 101 -27.13 -2.59 31.65
C ARG B 101 -28.23 -2.48 30.59
N ARG B 102 -27.84 -2.61 29.33
CA ARG B 102 -28.76 -2.63 28.17
C ARG B 102 -29.52 -1.32 28.06
N CYS B 103 -28.77 -0.21 28.13
CA CYS B 103 -29.35 1.10 28.23
C CYS B 103 -29.21 1.96 26.98
N LYS B 104 -29.80 1.46 25.90
CA LYS B 104 -29.99 2.20 24.66
C LYS B 104 -30.03 3.72 24.92
N HIS B 105 -30.71 4.14 25.97
CA HIS B 105 -30.89 5.56 26.26
C HIS B 105 -29.67 6.35 26.74
N TYR B 106 -29.07 5.95 27.85
CA TYR B 106 -27.94 6.68 28.37
C TYR B 106 -26.72 6.60 27.46
N VAL B 107 -26.67 5.52 26.67
CA VAL B 107 -25.62 5.40 25.67
C VAL B 107 -25.68 6.58 24.74
N GLU B 108 -26.80 6.68 24.03
CA GLU B 108 -27.11 7.83 23.19
C GLU B 108 -26.60 9.11 23.87
N LEU B 109 -27.07 9.37 25.09
CA LEU B 109 -26.63 10.54 25.87
C LEU B 109 -25.11 10.68 25.98
N LEU B 110 -24.47 9.61 26.43
CA LEU B 110 -23.05 9.64 26.74
C LEU B 110 -22.24 9.87 25.48
N VAL B 111 -22.52 9.05 24.46
CA VAL B 111 -21.90 9.16 23.14
C VAL B 111 -22.06 10.56 22.60
N ALA B 112 -23.32 11.02 22.55
CA ALA B 112 -23.67 12.31 22.00
C ALA B 112 -22.86 13.43 22.66
N GLN B 113 -22.71 13.32 23.98
CA GLN B 113 -22.06 14.34 24.79
C GLN B 113 -20.56 14.23 24.71
N GLY B 114 -20.07 13.04 24.35
CA GLY B 114 -18.68 12.89 23.99
C GLY B 114 -17.94 11.70 24.58
N ALA B 115 -18.67 10.69 25.05
CA ALA B 115 -18.02 9.53 25.61
C ALA B 115 -16.99 9.01 24.60
N ASP B 116 -15.89 8.44 25.11
CA ASP B 116 -14.92 7.72 24.27
C ASP B 116 -15.44 6.34 23.90
N VAL B 117 -15.40 6.02 22.61
CA VAL B 117 -16.07 4.82 22.09
C VAL B 117 -15.07 3.75 21.63
N HIS B 118 -13.82 4.00 21.93
CA HIS B 118 -12.77 3.03 21.70
C HIS B 118 -12.06 2.83 23.04
N ALA B 119 -12.87 2.88 24.09
CA ALA B 119 -12.35 2.79 25.44
C ALA B 119 -12.19 1.32 25.75
N GLN B 120 -10.99 0.90 26.07
CA GLN B 120 -10.76 -0.51 26.30
C GLN B 120 -10.98 -0.98 27.75
N ALA B 121 -11.89 -1.93 27.92
CA ALA B 121 -11.96 -2.63 29.20
C ALA B 121 -10.95 -3.81 29.27
N ARG B 122 -9.87 -3.61 30.01
CA ARG B 122 -8.87 -4.65 30.14
C ARG B 122 -9.05 -5.43 31.43
N GLY B 123 -9.00 -6.75 31.30
CA GLY B 123 -9.26 -7.68 32.38
C GLY B 123 -8.09 -7.73 33.34
N ARG B 124 -8.40 -7.89 34.62
CA ARG B 124 -7.40 -7.82 35.67
C ARG B 124 -6.89 -9.16 36.16
N PHE B 125 -5.96 -9.07 37.08
CA PHE B 125 -5.09 -10.16 37.44
C PHE B 125 -5.63 -11.01 38.61
N PHE B 126 -6.90 -11.40 38.59
CA PHE B 126 -7.59 -11.94 39.80
C PHE B 126 -7.30 -13.38 40.27
N GLN B 127 -7.62 -13.65 41.53
CA GLN B 127 -7.37 -14.94 42.17
C GLN B 127 -8.28 -16.04 41.67
N PRO B 128 -8.21 -17.23 42.29
CA PRO B 128 -9.21 -18.28 41.98
C PRO B 128 -10.57 -18.11 42.69
N LYS B 129 -10.50 -17.79 43.99
CA LYS B 129 -11.65 -17.64 44.89
C LYS B 129 -12.54 -16.44 44.50
N ASP B 130 -12.17 -15.80 43.41
CA ASP B 130 -12.84 -14.61 42.95
C ASP B 130 -13.56 -14.81 41.66
N GLU B 131 -13.49 -16.00 41.07
CA GLU B 131 -13.76 -16.08 39.64
C GLU B 131 -15.23 -16.09 39.23
N GLY B 132 -15.47 -15.57 38.01
CA GLY B 132 -16.78 -15.62 37.40
C GLY B 132 -17.40 -14.26 37.15
N GLY B 133 -16.70 -13.22 37.63
CA GLY B 133 -17.15 -11.87 37.44
C GLY B 133 -16.39 -11.21 36.32
N TYR B 134 -15.56 -11.99 35.63
CA TYR B 134 -14.94 -11.53 34.39
C TYR B 134 -15.37 -12.43 33.25
N PHE B 135 -15.61 -11.81 32.10
CA PHE B 135 -15.69 -12.49 30.81
C PHE B 135 -15.18 -11.57 29.70
N TYR B 136 -14.41 -12.16 28.80
CA TYR B 136 -13.83 -11.45 27.68
C TYR B 136 -14.88 -11.17 26.63
N PHE B 137 -14.96 -9.91 26.18
CA PHE B 137 -15.92 -9.54 25.18
C PHE B 137 -15.42 -8.62 24.07
N GLY B 138 -14.14 -8.75 23.67
CA GLY B 138 -13.45 -7.71 22.85
C GLY B 138 -13.31 -6.63 23.88
N GLU B 139 -12.52 -5.60 23.69
CA GLU B 139 -12.44 -4.73 24.89
C GLU B 139 -13.27 -3.45 24.76
N LEU B 140 -13.83 -3.30 23.54
CA LEU B 140 -14.42 -2.07 23.04
C LEU B 140 -15.94 -2.10 23.10
N PRO B 141 -16.53 -0.93 23.37
CA PRO B 141 -17.95 -0.81 23.55
C PRO B 141 -18.71 -1.48 22.40
N LEU B 142 -18.22 -1.24 21.19
CA LEU B 142 -18.85 -1.85 20.05
C LEU B 142 -18.93 -3.38 20.20
N SER B 143 -17.79 -4.01 20.47
CA SER B 143 -17.70 -5.46 20.55
C SER B 143 -18.48 -6.01 21.71
N LEU B 144 -18.48 -5.27 22.82
CA LEU B 144 -19.27 -5.61 23.97
C LEU B 144 -20.73 -5.67 23.56
N ALA B 145 -21.23 -4.59 22.95
CA ALA B 145 -22.59 -4.51 22.44
C ALA B 145 -22.96 -5.72 21.59
N ALA B 146 -22.08 -6.02 20.64
CA ALA B 146 -22.29 -7.09 19.70
C ALA B 146 -22.26 -8.41 20.42
N CYS B 147 -21.33 -8.57 21.35
CA CYS B 147 -21.20 -9.83 22.10
C CYS B 147 -22.34 -10.06 23.08
N THR B 148 -23.02 -9.00 23.47
CA THR B 148 -24.10 -9.15 24.42
C THR B 148 -25.45 -9.09 23.70
N ASN B 149 -25.43 -9.42 22.40
CA ASN B 149 -26.62 -9.49 21.58
C ASN B 149 -27.38 -8.19 21.58
N GLN B 150 -26.72 -7.06 21.29
CA GLN B 150 -27.42 -5.75 21.30
C GLN B 150 -27.44 -4.97 19.94
N PRO B 151 -28.16 -5.50 18.92
CA PRO B 151 -28.22 -4.89 17.58
C PRO B 151 -28.44 -3.38 17.59
N HIS B 152 -29.49 -2.95 18.28
CA HIS B 152 -29.86 -1.54 18.31
C HIS B 152 -28.75 -0.61 18.83
N ILE B 153 -27.98 -1.09 19.80
CA ILE B 153 -26.81 -0.35 20.27
C ILE B 153 -25.71 -0.39 19.24
N VAL B 154 -25.44 -1.59 18.73
CA VAL B 154 -24.41 -1.75 17.72
C VAL B 154 -24.63 -0.80 16.55
N ASN B 155 -25.85 -0.75 16.04
CA ASN B 155 -26.22 0.17 14.98
C ASN B 155 -26.02 1.62 15.34
N TYR B 156 -26.50 2.01 16.52
CA TYR B 156 -26.33 3.37 16.98
C TYR B 156 -24.86 3.67 16.90
N LEU B 157 -24.08 2.89 17.65
CA LEU B 157 -22.64 3.09 17.79
C LEU B 157 -21.86 3.20 16.50
N THR B 158 -22.35 2.52 15.46
CA THR B 158 -21.69 2.48 14.15
C THR B 158 -22.25 3.49 13.14
N GLU B 159 -23.39 4.10 13.46
CA GLU B 159 -24.02 5.08 12.58
C GLU B 159 -24.75 6.16 13.35
N ASN B 160 -24.00 7.09 13.91
CA ASN B 160 -24.61 8.25 14.53
C ASN B 160 -23.85 9.54 14.23
N PRO B 161 -24.55 10.69 14.24
CA PRO B 161 -23.92 11.91 13.69
C PRO B 161 -22.96 12.64 14.66
N HIS B 162 -22.28 11.91 15.54
CA HIS B 162 -21.40 12.54 16.54
C HIS B 162 -19.99 11.96 16.59
N LYS B 163 -19.91 10.69 16.96
CA LYS B 163 -18.67 9.90 16.92
C LYS B 163 -19.07 8.45 16.66
N LYS B 164 -18.52 7.85 15.61
CA LYS B 164 -18.87 6.48 15.20
C LYS B 164 -17.76 5.51 15.58
N ALA B 165 -18.15 4.34 16.04
CA ALA B 165 -17.18 3.32 16.42
C ALA B 165 -16.57 2.67 15.18
N ASP B 166 -15.24 2.64 15.12
CA ASP B 166 -14.57 1.96 14.02
C ASP B 166 -14.75 0.45 14.14
N MET B 167 -15.32 -0.16 13.10
CA MET B 167 -15.49 -1.62 13.09
C MET B 167 -14.16 -2.31 12.90
N ARG B 168 -13.34 -1.72 12.05
CA ARG B 168 -11.97 -2.17 11.79
C ARG B 168 -11.11 -2.15 13.06
N ARG B 169 -11.71 -1.76 14.19
CA ARG B 169 -10.98 -1.59 15.43
C ARG B 169 -10.59 -2.90 16.08
N GLN B 170 -9.32 -2.96 16.46
CA GLN B 170 -8.70 -4.13 17.09
C GLN B 170 -8.37 -3.84 18.57
N ASP B 171 -8.76 -4.77 19.45
CA ASP B 171 -8.47 -4.62 20.88
C ASP B 171 -7.00 -4.95 21.21
N SER B 172 -6.70 -5.24 22.48
CA SER B 172 -5.31 -5.44 22.88
C SER B 172 -4.81 -6.84 22.55
N ARG B 173 -5.72 -7.76 22.31
CA ARG B 173 -5.38 -9.05 21.72
C ARG B 173 -5.19 -8.95 20.18
N GLY B 174 -5.34 -7.72 19.66
CA GLY B 174 -5.39 -7.48 18.22
C GLY B 174 -6.71 -7.96 17.61
N ASN B 175 -7.71 -8.21 18.45
CA ASN B 175 -8.97 -8.79 18.03
C ASN B 175 -10.00 -7.76 17.59
N THR B 176 -10.49 -7.91 16.37
CA THR B 176 -11.63 -7.11 15.92
C THR B 176 -12.88 -7.67 16.55
N VAL B 177 -13.95 -6.92 16.43
CA VAL B 177 -15.24 -7.36 16.89
C VAL B 177 -15.63 -8.75 16.34
N LEU B 178 -15.21 -9.06 15.11
CA LEU B 178 -15.56 -10.36 14.55
C LEU B 178 -14.89 -11.52 15.30
N HIS B 179 -13.61 -11.35 15.61
CA HIS B 179 -12.91 -12.26 16.49
C HIS B 179 -13.69 -12.42 17.81
N ALA B 180 -13.99 -11.29 18.44
CA ALA B 180 -14.68 -11.32 19.72
C ALA B 180 -15.95 -12.15 19.65
N LEU B 181 -16.67 -12.04 18.53
CA LEU B 181 -17.88 -12.84 18.33
C LEU B 181 -17.53 -14.32 18.30
N VAL B 182 -16.40 -14.62 17.68
CA VAL B 182 -15.92 -15.99 17.67
C VAL B 182 -15.63 -16.46 19.10
N ALA B 183 -15.08 -15.57 19.92
CA ALA B 183 -14.77 -15.94 21.29
C ALA B 183 -16.04 -16.26 22.09
N ILE B 184 -17.03 -15.36 22.13
CA ILE B 184 -18.26 -15.65 22.90
C ILE B 184 -19.06 -16.79 22.33
N ALA B 185 -18.78 -17.21 21.10
CA ALA B 185 -19.57 -18.27 20.52
C ALA B 185 -19.35 -19.53 21.35
N ASP B 186 -20.40 -20.05 21.96
CA ASP B 186 -20.37 -21.40 22.48
C ASP B 186 -21.15 -22.16 21.45
N ASN B 187 -21.26 -23.46 21.57
CA ASN B 187 -21.99 -24.10 20.52
C ASN B 187 -23.45 -24.30 20.88
N THR B 188 -24.08 -23.27 21.44
CA THR B 188 -25.52 -23.37 21.78
C THR B 188 -26.40 -22.85 20.65
N ARG B 189 -27.54 -23.50 20.43
CA ARG B 189 -28.38 -23.16 19.28
C ARG B 189 -28.84 -21.70 19.35
N GLU B 190 -29.18 -21.25 20.55
CA GLU B 190 -29.59 -19.88 20.84
C GLU B 190 -28.45 -18.87 20.58
N ASN B 191 -27.23 -19.24 20.98
CA ASN B 191 -26.07 -18.39 20.83
C ASN B 191 -25.70 -18.21 19.36
N THR B 192 -25.44 -19.34 18.70
CA THR B 192 -25.16 -19.40 17.27
C THR B 192 -26.15 -18.57 16.43
N LYS B 193 -27.43 -18.79 16.67
CA LYS B 193 -28.46 -17.97 16.05
C LYS B 193 -28.08 -16.49 16.08
N PHE B 194 -27.82 -15.91 17.25
CA PHE B 194 -27.51 -14.48 17.32
C PHE B 194 -26.12 -14.09 16.86
N VAL B 195 -25.13 -14.93 17.15
CA VAL B 195 -23.76 -14.58 16.82
C VAL B 195 -23.59 -14.41 15.31
N THR B 196 -23.99 -15.44 14.55
CA THR B 196 -23.97 -15.42 13.08
C THR B 196 -24.69 -14.20 12.53
N LYS B 197 -25.91 -14.00 13.02
CA LYS B 197 -26.73 -12.87 12.58
C LYS B 197 -26.00 -11.56 12.77
N MET B 198 -25.39 -11.40 13.96
CA MET B 198 -24.66 -10.20 14.34
C MET B 198 -23.44 -10.02 13.45
N TYR B 199 -22.77 -11.14 13.20
CA TYR B 199 -21.57 -11.18 12.37
C TYR B 199 -21.84 -10.78 10.91
N ASP B 200 -22.86 -11.36 10.28
CA ASP B 200 -23.11 -11.04 8.86
C ASP B 200 -23.36 -9.54 8.78
N LEU B 201 -24.08 -9.06 9.80
CA LEU B 201 -24.60 -7.71 9.86
C LEU B 201 -23.46 -6.72 9.98
N LEU B 202 -22.41 -7.12 10.67
CA LEU B 202 -21.27 -6.26 10.84
C LEU B 202 -20.33 -6.33 9.65
N LEU B 203 -20.13 -7.54 9.13
CA LEU B 203 -19.28 -7.69 7.97
C LEU B 203 -19.83 -6.78 6.86
N LEU B 204 -21.10 -6.98 6.52
CA LEU B 204 -21.74 -6.10 5.57
C LEU B 204 -21.45 -4.63 5.85
N LYS B 205 -21.91 -4.16 7.01
CA LYS B 205 -21.76 -2.76 7.37
C LYS B 205 -20.38 -2.24 7.04
N CYS B 206 -19.37 -3.05 7.34
CA CYS B 206 -18.00 -2.66 7.09
C CYS B 206 -17.67 -2.58 5.60
N ALA B 207 -17.99 -3.63 4.87
CA ALA B 207 -17.72 -3.66 3.43
C ALA B 207 -18.53 -2.59 2.71
N ARG B 208 -19.72 -2.31 3.23
CA ARG B 208 -20.57 -1.25 2.72
C ARG B 208 -19.95 0.14 3.01
N LEU B 209 -19.55 0.41 4.24
CA LEU B 209 -19.04 1.74 4.60
C LEU B 209 -17.56 1.92 4.32
N PHE B 210 -16.87 0.83 4.07
CA PHE B 210 -15.52 0.90 3.58
C PHE B 210 -15.44 -0.09 2.44
N PRO B 211 -15.35 0.43 1.21
CA PRO B 211 -15.56 -0.40 0.03
C PRO B 211 -14.40 -1.38 -0.26
N ASP B 212 -13.19 -0.99 0.14
CA ASP B 212 -11.98 -1.76 -0.18
C ASP B 212 -11.45 -2.60 0.97
N SER B 213 -11.75 -2.21 2.21
CA SER B 213 -11.36 -2.96 3.42
C SER B 213 -11.99 -4.37 3.47
N ASN B 214 -11.39 -5.29 4.23
CA ASN B 214 -12.02 -6.58 4.51
C ASN B 214 -11.77 -7.07 5.92
N LEU B 215 -12.79 -6.94 6.75
CA LEU B 215 -12.71 -7.32 8.13
C LEU B 215 -12.44 -8.79 8.36
N GLU B 216 -12.77 -9.64 7.41
CA GLU B 216 -12.49 -11.07 7.60
C GLU B 216 -11.02 -11.43 7.45
N ALA B 217 -10.26 -10.54 6.79
CA ALA B 217 -8.86 -10.77 6.45
C ALA B 217 -7.87 -10.34 7.54
N VAL B 218 -8.30 -9.45 8.42
CA VAL B 218 -7.43 -8.85 9.44
C VAL B 218 -7.11 -9.85 10.53
N LEU B 219 -5.84 -10.17 10.71
CA LEU B 219 -5.51 -11.16 11.73
C LEU B 219 -5.21 -10.54 13.07
N ASN B 220 -5.48 -11.28 14.14
CA ASN B 220 -5.12 -10.86 15.48
C ASN B 220 -3.62 -11.02 15.79
N ASN B 221 -3.23 -10.92 17.05
CA ASN B 221 -1.81 -11.03 17.42
C ASN B 221 -1.26 -12.47 17.33
N ASP B 222 -2.15 -13.44 17.49
CA ASP B 222 -1.79 -14.83 17.31
C ASP B 222 -1.88 -15.22 15.86
N GLY B 223 -1.95 -14.23 14.98
CA GLY B 223 -1.94 -14.43 13.53
C GLY B 223 -3.17 -15.05 12.87
N LEU B 224 -4.32 -14.93 13.55
CA LEU B 224 -5.55 -15.66 13.23
C LEU B 224 -6.67 -14.81 12.63
N SER B 225 -7.06 -15.18 11.42
CA SER B 225 -8.33 -14.75 10.85
C SER B 225 -9.47 -15.10 11.81
N PRO B 226 -10.59 -14.37 11.74
CA PRO B 226 -11.72 -14.88 12.49
C PRO B 226 -12.02 -16.35 12.16
N LEU B 227 -12.02 -16.65 10.87
CA LEU B 227 -12.35 -17.97 10.39
C LEU B 227 -11.43 -19.06 10.99
N MET B 228 -10.13 -18.78 11.07
CA MET B 228 -9.20 -19.77 11.60
C MET B 228 -9.39 -19.93 13.12
N MET B 229 -9.75 -18.84 13.79
CA MET B 229 -9.91 -18.88 15.23
C MET B 229 -11.10 -19.77 15.55
N ALA B 230 -12.15 -19.65 14.74
CA ALA B 230 -13.38 -20.45 14.94
C ALA B 230 -13.01 -21.89 14.84
N ALA B 231 -12.13 -22.15 13.89
CA ALA B 231 -11.67 -23.47 13.55
C ALA B 231 -10.83 -24.01 14.69
N LYS B 232 -9.92 -23.17 15.18
CA LYS B 232 -8.95 -23.56 16.16
C LYS B 232 -9.63 -23.87 17.48
N THR B 233 -10.64 -23.08 17.82
CA THR B 233 -11.28 -23.15 19.13
C THR B 233 -12.58 -23.98 19.13
N GLY B 234 -12.77 -24.77 18.08
CA GLY B 234 -13.94 -25.65 17.99
C GLY B 234 -15.29 -24.97 17.84
N LYS B 235 -15.28 -23.72 17.38
CA LYS B 235 -16.51 -22.98 17.21
C LYS B 235 -17.15 -23.33 15.87
N ILE B 236 -17.74 -24.53 15.81
CA ILE B 236 -18.20 -25.13 14.55
C ILE B 236 -19.36 -24.40 13.93
N GLY B 237 -20.33 -24.02 14.76
CA GLY B 237 -21.57 -23.40 14.28
C GLY B 237 -21.32 -22.15 13.47
N ILE B 238 -20.49 -21.27 14.00
CA ILE B 238 -20.15 -20.04 13.30
C ILE B 238 -19.23 -20.35 12.13
N PHE B 239 -18.25 -21.20 12.36
CA PHE B 239 -17.34 -21.60 11.31
C PHE B 239 -18.09 -22.01 10.04
N GLN B 240 -18.99 -23.00 10.15
CA GLN B 240 -19.76 -23.48 9.00
C GLN B 240 -20.56 -22.34 8.42
N HIS B 241 -21.20 -21.57 9.29
CA HIS B 241 -21.98 -20.47 8.82
C HIS B 241 -21.14 -19.57 7.94
N ILE B 242 -19.90 -19.28 8.35
CA ILE B 242 -19.08 -18.39 7.54
C ILE B 242 -18.84 -18.97 6.14
N ILE B 243 -18.52 -20.25 6.12
CA ILE B 243 -18.39 -21.03 4.88
C ILE B 243 -19.55 -20.72 3.91
N ARG B 244 -20.77 -21.13 4.27
CA ARG B 244 -21.96 -20.89 3.44
C ARG B 244 -21.99 -19.48 2.87
N ARG B 245 -21.67 -18.49 3.70
CA ARG B 245 -21.74 -17.09 3.29
C ARG B 245 -20.66 -16.75 2.26
N GLU B 246 -19.52 -17.41 2.35
CA GLU B 246 -18.46 -17.22 1.35
C GLU B 246 -18.82 -17.88 0.02
N VAL B 247 -19.48 -19.05 0.12
CA VAL B 247 -19.95 -19.81 -1.05
C VAL B 247 -20.86 -18.92 -1.87
N THR B 248 -21.86 -18.35 -1.20
CA THR B 248 -22.79 -17.41 -1.82
C THR B 248 -22.07 -16.45 -2.78
N ASP B 249 -20.92 -15.92 -2.35
CA ASP B 249 -20.15 -14.98 -3.18
C ASP B 249 -19.09 -15.67 -4.05
P PO4 C . 15.58 3.43 -13.36
O1 PO4 C . 15.92 2.07 -12.79
O2 PO4 C . 16.81 3.95 -14.07
O3 PO4 C . 15.14 4.43 -12.31
O4 PO4 C . 14.46 3.29 -14.37
P PO4 D . 19.65 10.05 -36.96
O1 PO4 D . 18.89 10.99 -37.87
O2 PO4 D . 18.71 9.05 -36.34
O3 PO4 D . 20.33 10.88 -35.89
O4 PO4 D . 20.70 9.25 -37.71
C1 GOL E . 26.18 3.80 -42.86
O1 GOL E . 26.29 4.41 -41.58
C2 GOL E . 24.73 3.50 -43.26
O2 GOL E . 23.77 3.84 -42.26
C3 GOL E . 24.54 2.06 -43.80
O3 GOL E . 23.59 1.34 -43.03
P PO4 F . -8.33 -8.80 28.26
O1 PO4 F . -7.22 -7.91 28.77
O2 PO4 F . -7.90 -10.25 28.20
O3 PO4 F . -8.63 -8.41 26.84
O4 PO4 F . -9.58 -8.61 29.12
P PO4 G . -31.12 -3.69 21.68
O1 PO4 G . -29.82 -3.10 21.22
O2 PO4 G . -30.90 -4.40 23.00
O3 PO4 G . -31.58 -4.68 20.63
O4 PO4 G . -32.17 -2.62 21.91
P PO4 H . -32.43 0.57 14.28
O1 PO4 H . -32.01 0.12 15.66
O2 PO4 H . -33.16 -0.56 13.58
O3 PO4 H . -31.15 0.91 13.54
O4 PO4 H . -33.32 1.79 14.38
#